data_5VTL
#
_entry.id   5VTL
#
_cell.length_a   24.810
_cell.length_b   79.500
_cell.length_c   108.170
_cell.angle_alpha   90.000
_cell.angle_beta   90.000
_cell.angle_gamma   90.000
#
_symmetry.space_group_name_H-M   'P 21 21 21'
#
loop_
_entity.id
_entity.type
_entity.pdbx_description
1 polymer 'Tb427.07.360- putative uncharacterized metacyclic invariant surface protein from Trypanosoma brucei'
2 water water
#
_entity_poly.entity_id   1
_entity_poly.type   'polypeptide(L)'
_entity_poly.pdbx_seq_one_letter_code
;QNTVSHVSAACLFSEALHGIPFGVKVLKALAAANVSDASKAREGCQDAVRRAEDAFSSTPKVEEAVGRARAALKEAESAE
NAAKTALSDVEQYAANAPLLAAGKTAPIDDYLKSVAEDNSAASTARRIARGCSLPNRGVNSWVLKKAVEFGCEFFTGDIC
KILTDGMADLRAEYDQLEAAVRRASEARVAARAAESNARKAAEEAERTAA
;
_entity_poly.pdbx_strand_id   A
#
# COMPACT_ATOMS: atom_id res chain seq x y z
N GLN A 1 -18.14 -31.35 2.11
CA GLN A 1 -17.65 -30.20 1.31
C GLN A 1 -16.14 -30.25 1.22
N ASN A 2 -15.64 -31.31 0.60
CA ASN A 2 -14.20 -31.53 0.51
C ASN A 2 -13.74 -31.95 -0.89
N THR A 3 -14.41 -31.43 -1.90
CA THR A 3 -13.98 -31.62 -3.27
C THR A 3 -12.71 -30.81 -3.52
N VAL A 4 -12.02 -31.14 -4.60
CA VAL A 4 -10.86 -30.36 -5.05
C VAL A 4 -11.14 -28.86 -5.05
N SER A 5 -12.30 -28.44 -5.58
CA SER A 5 -12.62 -27.02 -5.63
C SER A 5 -12.79 -26.41 -4.23
N HIS A 6 -13.41 -27.14 -3.30
CA HIS A 6 -13.58 -26.63 -1.94
C HIS A 6 -12.21 -26.42 -1.32
N VAL A 7 -11.35 -27.42 -1.47
CA VAL A 7 -10.03 -27.34 -0.85
C VAL A 7 -9.17 -26.26 -1.52
N SER A 8 -9.28 -26.12 -2.84
CA SER A 8 -8.54 -25.07 -3.52
C SER A 8 -8.90 -23.67 -2.99
N ALA A 9 -10.19 -23.44 -2.84
CA ALA A 9 -10.70 -22.19 -2.30
C ALA A 9 -10.18 -21.95 -0.88
N ALA A 10 -10.24 -22.96 -0.03
CA ALA A 10 -9.79 -22.83 1.34
C ALA A 10 -8.29 -22.56 1.41
N CYS A 11 -7.53 -23.23 0.55
CA CYS A 11 -6.09 -23.06 0.56
C CYS A 11 -5.69 -21.63 0.13
N LEU A 12 -6.29 -21.14 -0.94
CA LEU A 12 -6.06 -19.76 -1.37
C LEU A 12 -6.33 -18.77 -0.23
N PHE A 13 -7.41 -19.01 0.50
CA PHE A 13 -7.79 -18.13 1.61
C PHE A 13 -6.76 -18.20 2.76
N SER A 14 -6.37 -19.42 3.15
CA SER A 14 -5.38 -19.59 4.19
C SER A 14 -4.04 -18.94 3.85
N GLU A 15 -3.55 -19.18 2.64
CA GLU A 15 -2.26 -18.64 2.25
C GLU A 15 -2.34 -17.10 2.10
N ALA A 16 -3.50 -16.61 1.71
CA ALA A 16 -3.72 -15.16 1.70
C ALA A 16 -3.60 -14.57 3.12
N LEU A 17 -4.29 -15.18 4.09
CA LEU A 17 -4.29 -14.66 5.45
C LEU A 17 -2.90 -14.76 6.05
N HIS A 18 -2.19 -15.86 5.80
CA HIS A 18 -0.85 -15.99 6.33
C HIS A 18 0.15 -15.06 5.65
N GLY A 19 -0.20 -14.62 4.45
CA GLY A 19 0.64 -13.69 3.74
C GLY A 19 0.54 -12.25 4.20
N ILE A 20 -0.54 -11.92 4.91
CA ILE A 20 -0.84 -10.53 5.30
C ILE A 20 0.32 -9.86 6.06
N PRO A 21 0.92 -10.54 7.05
CA PRO A 21 2.03 -9.91 7.76
C PRO A 21 3.15 -9.52 6.82
N PHE A 22 3.42 -10.34 5.82
CA PHE A 22 4.48 -10.04 4.88
C PHE A 22 4.10 -8.86 3.98
N GLY A 23 2.87 -8.86 3.49
CA GLY A 23 2.45 -7.80 2.59
C GLY A 23 2.47 -6.44 3.26
N VAL A 24 2.04 -6.37 4.51
CA VAL A 24 1.94 -5.08 5.17
C VAL A 24 3.32 -4.49 5.40
N LYS A 25 4.31 -5.35 5.59
CA LYS A 25 5.69 -4.87 5.77
C LYS A 25 6.19 -4.16 4.52
N VAL A 26 5.84 -4.70 3.36
CA VAL A 26 6.27 -4.13 2.10
C VAL A 26 5.59 -2.78 1.89
N LEU A 27 4.32 -2.69 2.28
CA LEU A 27 3.58 -1.45 2.09
C LEU A 27 4.09 -0.35 2.99
N LYS A 28 4.40 -0.70 4.23
CA LYS A 28 4.95 0.27 5.18
C LYS A 28 6.27 0.83 4.65
N ALA A 29 7.10 -0.05 4.09
CA ALA A 29 8.38 0.38 3.55
C ALA A 29 8.21 1.28 2.32
N LEU A 30 7.25 0.96 1.46
CA LEU A 30 6.95 1.79 0.28
C LEU A 30 6.58 3.19 0.76
N ALA A 31 5.68 3.26 1.72
CA ALA A 31 5.22 4.56 2.20
C ALA A 31 6.34 5.35 2.87
N ALA A 32 7.17 4.69 3.66
CA ALA A 32 8.32 5.37 4.27
C ALA A 32 9.28 5.92 3.22
N ALA A 33 9.52 5.15 2.17
CA ALA A 33 10.40 5.60 1.09
C ALA A 33 9.80 6.80 0.41
N ASN A 34 8.49 6.80 0.26
CA ASN A 34 7.80 7.93 -0.40
C ASN A 34 7.97 9.22 0.39
N VAL A 35 7.94 9.12 1.72
CA VAL A 35 8.15 10.28 2.58
C VAL A 35 9.57 10.77 2.46
N SER A 36 10.51 9.84 2.46
CA SER A 36 11.91 10.20 2.39
C SER A 36 12.14 10.98 1.09
N ASP A 37 11.52 10.51 0.02
CA ASP A 37 11.70 11.15 -1.27
C ASP A 37 10.99 12.51 -1.34
N ALA A 38 9.83 12.61 -0.69
CA ALA A 38 9.10 13.86 -0.64
C ALA A 38 9.91 14.94 0.11
N SER A 39 10.57 14.54 1.20
CA SER A 39 11.42 15.46 1.95
C SER A 39 12.61 15.89 1.09
N LYS A 40 13.15 14.96 0.32
CA LYS A 40 14.29 15.28 -0.52
C LYS A 40 13.84 16.31 -1.58
N ALA A 41 12.62 16.16 -2.07
CA ALA A 41 12.09 17.10 -3.05
C ALA A 41 11.92 18.50 -2.46
N ARG A 42 11.43 18.56 -1.24
CA ARG A 42 11.27 19.84 -0.59
C ARG A 42 12.63 20.48 -0.35
N GLU A 43 13.61 19.69 0.05
CA GLU A 43 14.97 20.22 0.20
C GLU A 43 15.47 20.84 -1.12
N GLY A 44 15.17 20.18 -2.23
CA GLY A 44 15.53 20.68 -3.55
C GLY A 44 14.85 22.00 -3.87
N CYS A 45 13.61 22.16 -3.40
CA CYS A 45 12.91 23.43 -3.56
C CYS A 45 13.57 24.52 -2.74
N GLN A 46 14.00 24.19 -1.53
CA GLN A 46 14.70 25.15 -0.70
C GLN A 46 15.97 25.64 -1.38
N ASP A 47 16.67 24.73 -2.04
CA ASP A 47 17.91 25.03 -2.75
C ASP A 47 17.63 25.96 -3.93
N ALA A 48 16.51 25.68 -4.60
CA ALA A 48 16.12 26.41 -5.80
C ALA A 48 15.79 27.84 -5.37
N VAL A 49 15.09 27.99 -4.25
CA VAL A 49 14.76 29.32 -3.73
C VAL A 49 16.06 30.09 -3.44
N ARG A 50 17.00 29.43 -2.77
CA ARG A 50 18.29 30.08 -2.50
C ARG A 50 18.97 30.53 -3.78
N ARG A 51 19.01 29.65 -4.77
CA ARG A 51 19.63 29.98 -6.04
C ARG A 51 18.98 31.18 -6.72
N ALA A 52 17.65 31.18 -6.74
CA ALA A 52 16.90 32.26 -7.37
C ALA A 52 17.13 33.57 -6.63
N GLU A 53 17.12 33.52 -5.30
CA GLU A 53 17.37 34.72 -4.50
C GLU A 53 18.74 35.34 -4.84
N ASP A 54 19.73 34.49 -5.00
CA ASP A 54 21.09 34.96 -5.28
C ASP A 54 21.18 35.60 -6.66
N ALA A 55 20.53 35.00 -7.64
CA ALA A 55 20.45 35.61 -8.97
C ALA A 55 19.74 36.96 -8.87
N PHE A 56 18.64 37.00 -8.12
CA PHE A 56 17.87 38.24 -7.93
C PHE A 56 18.75 39.36 -7.35
N SER A 57 19.70 39.00 -6.51
CA SER A 57 20.59 40.01 -5.91
C SER A 57 21.38 40.78 -6.97
N SER A 58 21.63 40.12 -8.10
CA SER A 58 22.46 40.72 -9.15
C SER A 58 21.61 41.35 -10.22
N THR A 59 20.32 41.00 -10.26
CA THR A 59 19.45 41.26 -11.40
C THR A 59 18.00 41.38 -10.97
N PRO A 60 17.46 42.61 -10.90
CA PRO A 60 16.05 42.68 -10.52
C PRO A 60 15.09 42.02 -11.53
N LYS A 61 15.60 41.70 -12.71
CA LYS A 61 14.78 41.14 -13.78
C LYS A 61 14.30 39.71 -13.51
N VAL A 62 14.82 39.08 -12.47
CA VAL A 62 14.41 37.71 -12.14
C VAL A 62 13.46 37.68 -10.95
N GLU A 63 12.87 38.84 -10.62
CA GLU A 63 11.96 38.90 -9.51
C GLU A 63 10.88 37.82 -9.61
N GLU A 64 10.31 37.60 -10.81
CA GLU A 64 9.21 36.64 -10.92
C GLU A 64 9.67 35.21 -10.65
N ALA A 65 10.91 34.93 -11.03
CA ALA A 65 11.46 33.59 -10.85
C ALA A 65 11.61 33.20 -9.39
N VAL A 66 12.00 34.17 -8.57
CA VAL A 66 12.03 33.98 -7.13
C VAL A 66 10.62 33.64 -6.65
N GLY A 67 9.64 34.36 -7.15
CA GLY A 67 8.25 34.09 -6.78
C GLY A 67 7.77 32.69 -7.14
N ARG A 68 8.10 32.24 -8.34
CA ARG A 68 7.73 30.91 -8.79
C ARG A 68 8.41 29.85 -7.91
N ALA A 69 9.68 30.07 -7.59
CA ALA A 69 10.42 29.17 -6.71
C ALA A 69 9.77 29.06 -5.31
N ARG A 70 9.40 30.21 -4.77
CA ARG A 70 8.77 30.24 -3.45
C ARG A 70 7.43 29.54 -3.41
N ALA A 71 6.67 29.70 -4.49
CA ALA A 71 5.34 29.09 -4.59
C ALA A 71 5.48 27.58 -4.69
N ALA A 72 6.47 27.15 -5.46
CA ALA A 72 6.79 25.74 -5.63
C ALA A 72 7.22 25.13 -4.30
N LEU A 73 8.07 25.85 -3.55
CA LEU A 73 8.48 25.37 -2.21
C LEU A 73 7.27 25.19 -1.30
N LYS A 74 6.37 26.18 -1.31
CA LYS A 74 5.16 26.07 -0.52
C LYS A 74 4.38 24.80 -0.92
N GLU A 75 4.28 24.51 -2.22
CA GLU A 75 3.60 23.31 -2.66
C GLU A 75 4.28 22.03 -2.22
N ALA A 76 5.60 22.00 -2.31
CA ALA A 76 6.39 20.84 -1.88
C ALA A 76 6.27 20.63 -0.36
N GLU A 77 6.24 21.73 0.40
CA GLU A 77 6.07 21.63 1.85
C GLU A 77 4.72 20.99 2.17
N SER A 78 3.65 21.43 1.48
CA SER A 78 2.35 20.83 1.70
C SER A 78 2.32 19.35 1.31
N ALA A 79 2.96 19.00 0.20
CA ALA A 79 3.01 17.61 -0.28
C ALA A 79 3.81 16.73 0.68
N GLU A 80 4.93 17.26 1.17
CA GLU A 80 5.71 16.56 2.20
C GLU A 80 4.88 16.24 3.44
N ASN A 81 4.16 17.22 3.95
CA ASN A 81 3.33 17.00 5.10
C ASN A 81 2.21 16.02 4.81
N ALA A 82 1.62 16.11 3.61
CA ALA A 82 0.63 15.13 3.17
C ALA A 82 1.22 13.71 3.17
N ALA A 83 2.45 13.56 2.68
CA ALA A 83 3.13 12.27 2.69
C ALA A 83 3.29 11.74 4.12
N LYS A 84 3.74 12.60 5.02
CA LYS A 84 3.92 12.19 6.41
C LYS A 84 2.61 11.76 7.10
N THR A 85 1.53 12.49 6.84
CA THR A 85 0.22 12.14 7.38
C THR A 85 -0.22 10.81 6.82
N ALA A 86 0.08 10.57 5.55
CA ALA A 86 -0.29 9.32 4.89
C ALA A 86 0.51 8.16 5.48
N LEU A 87 1.79 8.38 5.78
CA LEU A 87 2.60 7.36 6.42
C LEU A 87 2.02 7.00 7.78
N SER A 88 1.58 8.00 8.53
CA SER A 88 1.00 7.73 9.84
C SER A 88 -0.30 6.92 9.72
N ASP A 89 -1.12 7.24 8.72
CA ASP A 89 -2.28 6.39 8.41
C ASP A 89 -1.87 4.94 8.07
N VAL A 90 -0.89 4.78 7.20
CA VAL A 90 -0.39 3.45 6.82
C VAL A 90 0.01 2.65 8.05
N GLU A 91 0.67 3.33 8.98
CA GLU A 91 1.21 2.65 10.13
C GLU A 91 0.09 2.11 11.01
N GLN A 92 -1.00 2.87 11.08
CA GLN A 92 -2.16 2.49 11.86
C GLN A 92 -2.81 1.31 11.19
N TYR A 93 -3.10 1.42 9.90
CA TYR A 93 -3.77 0.33 9.21
C TYR A 93 -2.91 -0.91 9.10
N ALA A 94 -1.60 -0.73 8.94
CA ALA A 94 -0.67 -1.86 8.89
C ALA A 94 -0.56 -2.57 10.24
N ALA A 95 -0.85 -1.88 11.34
CA ALA A 95 -0.89 -2.54 12.64
C ALA A 95 -2.22 -3.27 12.86
N ASN A 96 -3.31 -2.69 12.35
CA ASN A 96 -4.65 -3.24 12.52
C ASN A 96 -4.89 -4.52 11.73
N ALA A 97 -4.63 -4.47 10.43
CA ALA A 97 -4.98 -5.60 9.56
C ALA A 97 -4.38 -6.94 9.98
N PRO A 98 -3.07 -7.01 10.32
CA PRO A 98 -2.57 -8.33 10.73
C PRO A 98 -3.24 -8.90 11.96
N LEU A 99 -3.74 -8.07 12.87
CA LEU A 99 -4.42 -8.60 14.07
C LEU A 99 -5.67 -9.36 13.65
N LEU A 100 -6.43 -8.77 12.74
CA LEU A 100 -7.65 -9.35 12.22
C LEU A 100 -7.39 -10.60 11.40
N ALA A 101 -6.34 -10.58 10.58
CA ALA A 101 -6.05 -11.74 9.74
C ALA A 101 -5.63 -12.94 10.58
N ALA A 102 -4.72 -12.70 11.52
CA ALA A 102 -4.19 -13.80 12.34
C ALA A 102 -5.33 -14.56 13.05
N GLY A 103 -6.40 -13.84 13.37
CA GLY A 103 -7.52 -14.43 14.10
C GLY A 103 -8.50 -15.19 13.22
N LYS A 104 -8.26 -15.24 11.92
CA LYS A 104 -9.10 -15.95 10.99
C LYS A 104 -8.45 -17.22 10.44
N THR A 105 -7.16 -17.42 10.70
CA THR A 105 -6.46 -18.58 10.13
C THR A 105 -6.89 -19.91 10.74
N ALA A 106 -7.10 -19.96 12.07
CA ALA A 106 -7.34 -21.26 12.73
C ALA A 106 -8.52 -22.07 12.16
N PRO A 107 -9.70 -21.46 11.99
CA PRO A 107 -10.79 -22.27 11.39
C PRO A 107 -10.49 -22.80 9.97
N ILE A 108 -9.81 -22.02 9.14
CA ILE A 108 -9.51 -22.43 7.77
C ILE A 108 -8.48 -23.55 7.81
N ASP A 109 -7.45 -23.36 8.62
CA ASP A 109 -6.42 -24.38 8.71
C ASP A 109 -6.92 -25.69 9.37
N ASP A 110 -7.88 -25.58 10.28
CA ASP A 110 -8.52 -26.79 10.83
C ASP A 110 -9.23 -27.54 9.71
N TYR A 111 -9.98 -26.81 8.88
CA TYR A 111 -10.67 -27.41 7.75
C TYR A 111 -9.67 -28.11 6.85
N LEU A 112 -8.57 -27.45 6.54
CA LEU A 112 -7.58 -28.06 5.65
C LEU A 112 -6.98 -29.33 6.26
N LYS A 113 -6.67 -29.31 7.55
CA LYS A 113 -6.15 -30.51 8.20
C LYS A 113 -7.18 -31.62 8.16
N SER A 114 -8.44 -31.26 8.34
CA SER A 114 -9.56 -32.22 8.31
C SER A 114 -9.67 -32.94 6.99
N VAL A 115 -9.26 -32.32 5.89
CA VAL A 115 -9.28 -33.01 4.59
C VAL A 115 -8.00 -33.80 4.40
N ALA A 116 -6.89 -33.20 4.77
CA ALA A 116 -5.58 -33.82 4.61
C ALA A 116 -5.59 -35.19 5.28
N GLU A 117 -6.22 -35.25 6.47
CA GLU A 117 -6.20 -36.44 7.28
C GLU A 117 -7.44 -37.31 7.12
N ASP A 118 -8.26 -37.03 6.10
CA ASP A 118 -9.49 -37.78 5.90
C ASP A 118 -9.29 -38.81 4.79
N ASN A 119 -9.27 -40.08 5.17
CA ASN A 119 -9.09 -41.20 4.23
C ASN A 119 -10.25 -41.37 3.26
N SER A 120 -11.37 -40.70 3.51
CA SER A 120 -12.50 -40.73 2.60
C SER A 120 -12.40 -39.64 1.52
N ALA A 121 -11.39 -38.78 1.59
CA ALA A 121 -11.32 -37.64 0.70
C ALA A 121 -10.55 -38.02 -0.56
N ALA A 122 -10.89 -37.39 -1.67
CA ALA A 122 -10.23 -37.66 -2.94
C ALA A 122 -8.74 -37.32 -2.89
N SER A 123 -7.96 -38.09 -3.65
CA SER A 123 -6.50 -37.96 -3.65
C SER A 123 -6.01 -36.50 -3.80
N THR A 124 -6.50 -35.78 -4.80
CA THR A 124 -5.98 -34.46 -5.10
C THR A 124 -6.42 -33.45 -4.05
N ALA A 125 -7.61 -33.66 -3.50
CA ALA A 125 -8.11 -32.82 -2.41
C ALA A 125 -7.20 -32.89 -1.20
N ARG A 126 -6.82 -34.12 -0.83
CA ARG A 126 -5.90 -34.33 0.27
C ARG A 126 -4.51 -33.75 -0.03
N ARG A 127 -4.07 -33.88 -1.26
CA ARG A 127 -2.75 -33.39 -1.63
C ARG A 127 -2.66 -31.87 -1.51
N ILE A 128 -3.69 -31.21 -2.02
CA ILE A 128 -3.74 -29.76 -1.96
C ILE A 128 -3.80 -29.33 -0.50
N ALA A 129 -4.64 -30.02 0.28
CA ALA A 129 -4.82 -29.65 1.69
C ALA A 129 -3.51 -29.83 2.45
N ARG A 130 -2.84 -30.95 2.23
CA ARG A 130 -1.63 -31.21 2.99
C ARG A 130 -0.46 -30.30 2.60
N GLY A 131 -0.46 -29.78 1.38
CA GLY A 131 0.67 -28.95 0.90
C GLY A 131 0.42 -27.46 1.05
N CYS A 132 -0.66 -27.11 1.72
CA CYS A 132 -1.12 -25.73 1.76
C CYS A 132 -0.43 -24.98 2.89
N SER A 133 0.84 -24.63 2.68
CA SER A 133 1.62 -24.07 3.78
C SER A 133 2.56 -22.99 3.30
N LEU A 134 2.22 -22.39 2.16
CA LEU A 134 3.05 -21.35 1.55
C LEU A 134 2.30 -20.01 1.58
N PRO A 135 2.69 -19.12 2.52
CA PRO A 135 2.02 -17.82 2.60
C PRO A 135 2.14 -17.06 1.29
N ASN A 136 1.05 -16.40 0.91
CA ASN A 136 1.04 -15.63 -0.29
C ASN A 136 1.51 -14.22 0.02
N ARG A 137 2.80 -14.00 -0.19
CA ARG A 137 3.38 -12.71 0.11
C ARG A 137 2.88 -11.64 -0.89
N GLY A 138 2.21 -12.07 -1.95
CA GLY A 138 1.63 -11.14 -2.91
C GLY A 138 0.19 -10.76 -2.58
N VAL A 139 -0.27 -11.11 -1.38
CA VAL A 139 -1.63 -10.81 -0.99
C VAL A 139 -1.92 -9.30 -1.06
N ASN A 140 -3.16 -8.95 -1.41
CA ASN A 140 -3.61 -7.58 -1.45
C ASN A 140 -5.12 -7.61 -1.40
N SER A 141 -5.78 -6.48 -1.54
CA SER A 141 -7.23 -6.49 -1.43
C SER A 141 -7.86 -7.32 -2.52
N TRP A 142 -7.24 -7.35 -3.71
CA TRP A 142 -7.80 -8.10 -4.83
C TRP A 142 -7.81 -9.59 -4.50
N VAL A 143 -6.69 -10.10 -3.98
CA VAL A 143 -6.61 -11.49 -3.55
C VAL A 143 -7.64 -11.82 -2.46
N LEU A 144 -7.82 -10.92 -1.49
CA LEU A 144 -8.81 -11.19 -0.44
C LEU A 144 -10.23 -11.22 -1.01
N LYS A 145 -10.51 -10.38 -2.00
CA LYS A 145 -11.78 -10.41 -2.70
C LYS A 145 -11.99 -11.75 -3.39
N LYS A 146 -11.01 -12.17 -4.16
CA LYS A 146 -11.12 -13.46 -4.86
C LYS A 146 -11.31 -14.62 -3.89
N ALA A 147 -10.65 -14.55 -2.75
CA ALA A 147 -10.76 -15.60 -1.74
C ALA A 147 -12.20 -15.75 -1.24
N VAL A 148 -12.83 -14.62 -0.93
CA VAL A 148 -14.21 -14.66 -0.49
C VAL A 148 -15.08 -15.16 -1.63
N GLU A 149 -14.82 -14.67 -2.83
CA GLU A 149 -15.61 -15.08 -4.00
C GLU A 149 -15.55 -16.59 -4.21
N PHE A 150 -14.37 -17.19 -4.06
CA PHE A 150 -14.22 -18.62 -4.32
C PHE A 150 -14.94 -19.38 -3.24
N GLY A 151 -14.82 -18.91 -1.99
CA GLY A 151 -15.51 -19.57 -0.91
C GLY A 151 -17.01 -19.58 -1.17
N CYS A 152 -17.54 -18.46 -1.63
CA CYS A 152 -18.95 -18.34 -1.89
C CYS A 152 -19.37 -19.18 -3.12
N GLU A 153 -18.48 -19.32 -4.09
CA GLU A 153 -18.81 -20.11 -5.28
C GLU A 153 -18.97 -21.60 -4.95
N PHE A 154 -18.13 -22.10 -4.05
CA PHE A 154 -18.07 -23.55 -3.83
C PHE A 154 -18.73 -24.08 -2.57
N PHE A 155 -18.71 -23.31 -1.48
CA PHE A 155 -19.29 -23.75 -0.23
C PHE A 155 -20.75 -23.35 -0.23
N THR A 156 -21.50 -23.93 0.70
CA THR A 156 -22.92 -23.63 0.87
C THR A 156 -23.15 -22.17 1.28
N GLY A 157 -24.34 -21.66 1.00
CA GLY A 157 -24.68 -20.27 1.29
C GLY A 157 -24.50 -19.86 2.74
N ASP A 158 -24.72 -20.78 3.68
CA ASP A 158 -24.54 -20.45 5.09
C ASP A 158 -23.07 -20.13 5.34
N ILE A 159 -22.20 -20.89 4.71
CA ILE A 159 -20.76 -20.69 4.86
C ILE A 159 -20.32 -19.43 4.14
N CYS A 160 -20.90 -19.18 2.96
CA CYS A 160 -20.65 -17.95 2.22
C CYS A 160 -21.01 -16.74 3.07
N LYS A 161 -22.10 -16.86 3.81
CA LYS A 161 -22.56 -15.74 4.65
C LYS A 161 -21.60 -15.46 5.76
N ILE A 162 -21.13 -16.52 6.41
CA ILE A 162 -20.20 -16.37 7.53
C ILE A 162 -18.89 -15.80 7.01
N LEU A 163 -18.49 -16.25 5.83
CA LEU A 163 -17.24 -15.83 5.26
C LEU A 163 -17.31 -14.36 4.86
N THR A 164 -18.42 -13.97 4.25
CA THR A 164 -18.60 -12.60 3.77
C THR A 164 -18.72 -11.62 4.95
N ASP A 165 -19.68 -11.87 5.82
CA ASP A 165 -19.90 -11.02 7.00
C ASP A 165 -18.60 -10.92 7.79
N GLY A 166 -17.93 -12.05 7.97
CA GLY A 166 -16.76 -12.14 8.81
C GLY A 166 -15.50 -11.51 8.25
N MET A 167 -15.39 -11.42 6.93
CA MET A 167 -14.22 -10.81 6.30
C MET A 167 -14.32 -9.31 6.06
N ALA A 168 -15.48 -8.74 6.31
CA ALA A 168 -15.76 -7.36 5.91
C ALA A 168 -14.81 -6.37 6.60
N ASP A 169 -14.54 -6.60 7.88
CA ASP A 169 -13.71 -5.68 8.67
C ASP A 169 -12.27 -5.70 8.15
N LEU A 170 -11.70 -6.90 8.03
CA LEU A 170 -10.35 -7.05 7.49
C LEU A 170 -10.22 -6.40 6.12
N ARG A 171 -11.19 -6.68 5.28
CA ARG A 171 -11.14 -6.16 3.91
C ARG A 171 -11.26 -4.65 3.87
N ALA A 172 -12.04 -4.10 4.79
CA ALA A 172 -12.14 -2.65 4.94
C ALA A 172 -10.81 -2.07 5.44
N GLU A 173 -10.16 -2.73 6.40
CA GLU A 173 -8.88 -2.24 6.91
C GLU A 173 -7.81 -2.32 5.84
N TYR A 174 -7.81 -3.40 5.06
CA TYR A 174 -6.79 -3.55 4.05
C TYR A 174 -7.04 -2.51 2.96
N ASP A 175 -8.30 -2.25 2.65
CA ASP A 175 -8.61 -1.19 1.70
C ASP A 175 -8.06 0.16 2.19
N GLN A 176 -8.23 0.45 3.48
CA GLN A 176 -7.76 1.71 4.04
C GLN A 176 -6.25 1.80 3.96
N LEU A 177 -5.61 0.66 4.20
CA LEU A 177 -4.16 0.57 4.09
C LEU A 177 -3.71 0.89 2.67
N GLU A 178 -4.32 0.27 1.68
CA GLU A 178 -3.92 0.49 0.30
C GLU A 178 -4.14 1.94 -0.11
N ALA A 179 -5.23 2.53 0.37
CA ALA A 179 -5.58 3.90 0.02
C ALA A 179 -4.58 4.88 0.61
N ALA A 180 -4.10 4.58 1.81
CA ALA A 180 -3.13 5.40 2.50
C ALA A 180 -1.80 5.34 1.78
N VAL A 181 -1.43 4.13 1.39
CA VAL A 181 -0.22 3.93 0.59
C VAL A 181 -0.28 4.75 -0.72
N ARG A 182 -1.41 4.72 -1.39
CA ARG A 182 -1.61 5.51 -2.59
C ARG A 182 -1.46 7.01 -2.29
N ARG A 183 -1.99 7.46 -1.15
CA ARG A 183 -1.90 8.87 -0.79
C ARG A 183 -0.46 9.31 -0.57
N ALA A 184 0.33 8.42 0.02
CA ALA A 184 1.75 8.67 0.23
C ALA A 184 2.50 8.79 -1.10
N SER A 185 2.18 7.90 -2.03
CA SER A 185 2.80 7.91 -3.35
C SER A 185 2.42 9.16 -4.12
N GLU A 186 1.14 9.53 -4.03
CA GLU A 186 0.68 10.71 -4.77
C GLU A 186 1.33 11.99 -4.23
N ALA A 187 1.50 12.06 -2.91
CA ALA A 187 2.16 13.18 -2.26
C ALA A 187 3.61 13.30 -2.70
N ARG A 188 4.28 12.18 -2.81
CA ARG A 188 5.64 12.19 -3.30
C ARG A 188 5.73 12.69 -4.75
N VAL A 189 4.82 12.23 -5.59
CA VAL A 189 4.79 12.69 -6.97
C VAL A 189 4.56 14.21 -7.02
N ALA A 190 3.64 14.70 -6.18
CA ALA A 190 3.34 16.13 -6.08
C ALA A 190 4.55 16.93 -5.60
N ALA A 191 5.28 16.42 -4.62
CA ALA A 191 6.48 17.08 -4.12
C ALA A 191 7.52 17.20 -5.21
N ARG A 192 7.70 16.12 -5.97
CA ARG A 192 8.71 16.10 -7.02
C ARG A 192 8.26 17.02 -8.17
N ALA A 193 6.95 17.14 -8.41
CA ALA A 193 6.46 18.05 -9.44
C ALA A 193 6.72 19.50 -9.05
N ALA A 194 6.55 19.81 -7.78
CA ALA A 194 6.92 21.14 -7.27
C ALA A 194 8.42 21.40 -7.43
N GLU A 195 9.24 20.42 -7.11
CA GLU A 195 10.68 20.61 -7.22
C GLU A 195 11.09 20.84 -8.68
N SER A 196 10.41 20.20 -9.61
CA SER A 196 10.72 20.43 -11.01
C SER A 196 10.44 21.90 -11.40
N ASN A 197 9.33 22.46 -10.95
CA ASN A 197 9.05 23.87 -11.20
C ASN A 197 10.03 24.79 -10.49
N ALA A 198 10.38 24.44 -9.26
CA ALA A 198 11.31 25.25 -8.50
C ALA A 198 12.66 25.29 -9.22
N ARG A 199 13.11 24.14 -9.68
CA ARG A 199 14.41 24.06 -10.33
C ARG A 199 14.43 24.82 -11.65
N LYS A 200 13.35 24.72 -12.40
CA LYS A 200 13.24 25.46 -13.64
C LYS A 200 13.24 26.97 -13.42
N ALA A 201 12.62 27.42 -12.33
CA ALA A 201 12.68 28.83 -11.93
C ALA A 201 14.09 29.27 -11.61
N ALA A 202 14.80 28.46 -10.81
CA ALA A 202 16.17 28.80 -10.45
C ALA A 202 17.02 28.87 -11.71
N GLU A 203 16.79 27.93 -12.62
CA GLU A 203 17.61 27.83 -13.84
C GLU A 203 17.37 29.05 -14.70
N GLU A 204 16.12 29.47 -14.79
CA GLU A 204 15.77 30.66 -15.58
C GLU A 204 16.39 31.91 -14.97
N ALA A 205 16.26 32.04 -13.67
CA ALA A 205 16.83 33.16 -12.93
C ALA A 205 18.32 33.26 -13.19
N GLU A 206 18.99 32.13 -13.11
CA GLU A 206 20.45 32.12 -13.28
C GLU A 206 20.83 32.51 -14.69
N ARG A 207 20.10 32.01 -15.68
CA ARG A 207 20.36 32.37 -17.08
C ARG A 207 20.16 33.85 -17.31
N THR A 208 19.07 34.39 -16.75
CA THR A 208 18.78 35.80 -16.91
C THR A 208 19.84 36.66 -16.24
N ALA A 209 20.26 36.28 -15.03
CA ALA A 209 21.28 37.04 -14.31
C ALA A 209 22.63 37.01 -15.04
N ALA A 210 22.97 35.87 -15.61
CA ALA A 210 24.21 35.74 -16.37
C ALA A 210 24.27 36.75 -17.53
#